data_8IR0
#
_entry.id   8IR0
#
_cell.length_a   116.513
_cell.length_b   116.513
_cell.length_c   206.664
_cell.angle_alpha   90.000
_cell.angle_beta   90.000
_cell.angle_gamma   90.000
#
_symmetry.space_group_name_H-M   'I 4 2 2'
#
_entity_poly.entity_id   1
_entity_poly.type   'polypeptide(L)'
_entity_poly.pdbx_seq_one_letter_code
;ATIRQNYNETSEAGVNKQINLELYASYTYLSMAFYFDNTTVALPGAHKYFKKASDEEREHAMLLMKFQNQRGGTIVLQDI
KKPENDSWGSLKDAVQAALALEKHVNQSLLDLHKLADSKGDAQMCDWIETHFLTEQVEAIKELGDHITQLTRVGFGLGEY
TYDKENLGED
;
_entity_poly.pdbx_strand_id   H,A,B
#
# COMPACT_ATOMS: atom_id res chain seq x y z
N THR A 2 3.86 -8.12 43.21
CA THR A 2 3.81 -6.83 42.53
C THR A 2 5.16 -6.30 42.01
N ILE A 3 5.22 -6.03 40.70
CA ILE A 3 6.47 -5.56 40.12
C ILE A 3 6.61 -4.04 40.18
N ARG A 4 5.57 -3.32 40.56
CA ARG A 4 5.57 -1.86 40.43
C ARG A 4 6.40 -1.26 41.54
N GLN A 5 7.37 -0.43 41.17
CA GLN A 5 8.29 0.18 42.13
C GLN A 5 8.79 1.51 41.59
N ASN A 6 8.63 2.57 42.38
CA ASN A 6 9.08 3.91 42.02
C ASN A 6 8.49 4.39 40.70
N TYR A 7 7.25 3.96 40.41
CA TYR A 7 6.60 4.30 39.14
C TYR A 7 5.35 5.10 39.45
N ASN A 8 5.40 6.39 39.20
CA ASN A 8 4.33 7.26 39.65
C ASN A 8 3.15 7.21 38.68
N GLU A 9 1.95 7.37 39.23
CA GLU A 9 0.72 7.30 38.43
C GLU A 9 0.63 8.43 37.41
N THR A 10 1.17 9.62 37.73
CA THR A 10 1.17 10.65 36.70
C THR A 10 2.12 10.29 35.56
N SER A 11 3.30 9.73 35.88
CA SER A 11 4.18 9.21 34.84
C SER A 11 3.47 8.17 33.97
N GLU A 12 2.81 7.20 34.61
CA GLU A 12 2.03 6.20 33.89
C GLU A 12 1.06 6.83 32.89
N ALA A 13 0.36 7.90 33.29
CA ALA A 13 -0.62 8.52 32.40
C ALA A 13 0.04 9.23 31.21
N GLY A 14 1.20 9.86 31.43
CA GLY A 14 1.88 10.51 30.32
C GLY A 14 2.39 9.51 29.29
N VAL A 15 2.91 8.37 29.77
CA VAL A 15 3.28 7.26 28.87
C VAL A 15 2.13 6.93 27.92
N ASN A 16 0.93 6.70 28.47
CA ASN A 16 -0.23 6.43 27.62
C ASN A 16 -0.46 7.58 26.66
N LYS A 17 -0.18 8.80 27.12
CA LYS A 17 -0.38 9.98 26.28
C LYS A 17 0.66 10.03 25.17
N GLN A 18 1.87 9.50 25.43
CA GLN A 18 2.93 9.48 24.41
C GLN A 18 2.74 8.32 23.45
N ILE A 19 2.15 7.22 23.91
CA ILE A 19 1.78 6.13 23.02
C ILE A 19 0.82 6.65 21.96
N ASN A 20 -0.17 7.44 22.38
CA ASN A 20 -1.09 8.00 21.40
C ASN A 20 -0.38 8.91 20.43
N LEU A 21 0.50 9.79 20.94
CA LEU A 21 1.22 10.75 20.10
C LEU A 21 2.09 10.06 19.05
N GLU A 22 2.89 9.08 19.48
CA GLU A 22 3.74 8.42 18.50
C GLU A 22 2.87 7.69 17.47
N LEU A 23 1.77 7.07 17.89
CA LEU A 23 0.86 6.47 16.91
C LEU A 23 0.30 7.53 15.97
N TYR A 24 -0.04 8.69 16.50
CA TYR A 24 -0.50 9.79 15.66
C TYR A 24 0.56 10.15 14.64
N ALA A 25 1.83 10.17 15.04
CA ALA A 25 2.89 10.51 14.07
C ALA A 25 3.03 9.40 13.04
N SER A 26 2.92 8.14 13.47
CA SER A 26 2.97 7.05 12.50
C SER A 26 1.90 7.20 11.46
N TYR A 27 0.71 7.65 11.87
CA TYR A 27 -0.40 7.71 10.93
C TYR A 27 -0.27 8.91 10.00
N THR A 28 0.34 10.00 10.49
CA THR A 28 0.65 11.15 9.63
C THR A 28 1.65 10.76 8.54
N TYR A 29 2.77 10.12 8.93
CA TYR A 29 3.77 9.76 7.92
C TYR A 29 3.19 8.83 6.86
N LEU A 30 2.41 7.83 7.29
CA LEU A 30 1.71 6.99 6.33
C LEU A 30 0.88 7.81 5.33
N SER A 31 0.15 8.81 5.84
CA SER A 31 -0.59 9.72 4.96
C SER A 31 0.33 10.37 3.95
N MET A 32 1.48 10.87 4.41
CA MET A 32 2.40 11.54 3.48
C MET A 32 2.96 10.54 2.47
N ALA A 33 3.47 9.41 2.97
CA ALA A 33 4.05 8.39 2.10
C ALA A 33 3.14 8.08 0.93
N PHE A 34 1.84 7.93 1.18
CA PHE A 34 0.96 7.56 0.09
C PHE A 34 0.42 8.75 -0.67
N TYR A 35 0.61 9.97 -0.16
CA TYR A 35 0.38 11.14 -0.99
C TYR A 35 1.43 11.21 -2.11
N PHE A 36 2.68 10.86 -1.81
CA PHE A 36 3.73 10.89 -2.82
C PHE A 36 3.64 9.71 -3.79
N ASP A 37 2.89 8.68 -3.46
CA ASP A 37 2.57 7.60 -4.38
C ASP A 37 1.39 7.92 -5.32
N ASN A 38 0.63 8.99 -5.02
CA ASN A 38 -0.48 9.42 -5.86
C ASN A 38 0.02 9.90 -7.22
N THR A 39 -0.70 9.52 -8.28
CA THR A 39 -0.16 9.66 -9.63
C THR A 39 0.11 11.13 -9.98
N THR A 40 -0.68 12.06 -9.43
CA THR A 40 -0.50 13.47 -9.75
C THR A 40 0.69 14.09 -9.04
N VAL A 41 1.27 13.38 -8.06
CA VAL A 41 2.42 13.85 -7.31
C VAL A 41 3.68 13.11 -7.71
N ALA A 42 3.70 11.79 -7.50
CA ALA A 42 4.61 10.86 -8.16
C ALA A 42 6.08 11.13 -7.81
N LEU A 43 6.41 10.93 -6.53
CA LEU A 43 7.78 11.05 -6.04
C LEU A 43 8.15 9.78 -5.28
N PRO A 44 8.62 8.74 -5.98
CA PRO A 44 8.87 7.45 -5.32
C PRO A 44 9.86 7.53 -4.18
N GLY A 45 10.87 8.39 -4.28
CA GLY A 45 11.85 8.50 -3.22
C GLY A 45 11.25 8.93 -1.90
N ALA A 46 10.44 10.00 -1.93
CA ALA A 46 9.74 10.43 -0.72
C ALA A 46 8.75 9.38 -0.24
N HIS A 47 8.00 8.75 -1.16
CA HIS A 47 7.14 7.64 -0.76
C HIS A 47 7.92 6.64 0.09
N LYS A 48 9.07 6.18 -0.42
CA LYS A 48 9.90 5.26 0.35
C LYS A 48 10.34 5.89 1.68
N TYR A 49 10.72 7.17 1.67
CA TYR A 49 11.28 7.83 2.86
C TYR A 49 10.26 7.96 4.00
N PHE A 50 9.03 8.40 3.69
CA PHE A 50 8.01 8.58 4.72
C PHE A 50 7.31 7.28 5.11
N LYS A 51 7.42 6.23 4.29
CA LYS A 51 6.95 4.93 4.72
C LYS A 51 7.85 4.40 5.84
N LYS A 52 9.18 4.51 5.68
CA LYS A 52 10.07 4.10 6.75
C LYS A 52 9.83 4.94 8.01
N ALA A 53 9.65 6.26 7.83
CA ALA A 53 9.38 7.12 8.98
C ALA A 53 8.15 6.67 9.74
N SER A 54 7.09 6.27 9.02
CA SER A 54 5.89 5.74 9.67
C SER A 54 6.21 4.49 10.47
N ASP A 55 7.01 3.58 9.89
CA ASP A 55 7.44 2.41 10.63
C ASP A 55 8.16 2.79 11.91
N GLU A 56 9.00 3.82 11.87
CA GLU A 56 9.83 4.16 13.03
C GLU A 56 8.96 4.64 14.19
N GLU A 57 8.13 5.67 13.97
CA GLU A 57 7.37 6.12 15.14
C GLU A 57 6.34 5.06 15.58
N ARG A 58 5.95 4.12 14.72
CA ARG A 58 5.17 2.97 15.22
C ARG A 58 6.01 2.06 16.13
N GLU A 59 7.25 1.79 15.73
CA GLU A 59 8.19 1.14 16.62
C GLU A 59 8.31 1.92 17.92
N HIS A 60 8.32 3.27 17.83
CA HIS A 60 8.31 4.11 19.03
C HIS A 60 7.16 3.76 19.95
N ALA A 61 5.97 3.53 19.38
CA ALA A 61 4.80 3.32 20.22
C ALA A 61 4.89 1.99 20.94
N MET A 62 5.39 0.96 20.24
CA MET A 62 5.50 -0.36 20.87
C MET A 62 6.60 -0.35 21.91
N LEU A 63 7.66 0.41 21.68
CA LEU A 63 8.69 0.59 22.67
C LEU A 63 8.13 1.23 23.94
N LEU A 64 7.15 2.12 23.79
CA LEU A 64 6.51 2.70 24.97
C LEU A 64 5.52 1.74 25.59
N MET A 65 4.77 1.01 24.75
CA MET A 65 3.86 -0.02 25.26
C MET A 65 4.63 -1.03 26.09
N LYS A 66 5.77 -1.52 25.55
CA LYS A 66 6.60 -2.46 26.29
C LYS A 66 7.05 -1.85 27.62
N PHE A 67 7.42 -0.57 27.61
CA PHE A 67 7.93 0.06 28.83
C PHE A 67 6.81 0.24 29.87
N GLN A 68 5.60 0.56 29.42
CA GLN A 68 4.47 0.60 30.34
C GLN A 68 4.31 -0.73 31.06
N ASN A 69 4.42 -1.84 30.31
CA ASN A 69 4.28 -3.15 30.93
C ASN A 69 5.46 -3.46 31.85
N GLN A 70 6.67 -3.10 31.45
CA GLN A 70 7.83 -3.47 32.24
C GLN A 70 7.82 -2.81 33.60
N ARG A 71 7.23 -1.62 33.71
CA ARG A 71 7.18 -0.87 34.96
C ARG A 71 5.93 -1.17 35.79
N GLY A 72 5.07 -2.09 35.33
CA GLY A 72 3.90 -2.45 36.09
C GLY A 72 2.75 -1.46 35.98
N GLY A 73 2.67 -0.73 34.87
CA GLY A 73 1.55 0.15 34.61
C GLY A 73 0.51 -0.55 33.76
N THR A 74 -0.40 0.25 33.20
CA THR A 74 -1.49 -0.29 32.39
C THR A 74 -1.66 0.52 31.13
N ILE A 75 -1.56 -0.16 29.99
CA ILE A 75 -1.82 0.50 28.72
C ILE A 75 -3.29 0.86 28.65
N VAL A 76 -3.58 2.10 28.25
CA VAL A 76 -4.93 2.55 27.91
C VAL A 76 -4.84 3.29 26.59
N LEU A 77 -5.43 2.71 25.55
CA LEU A 77 -5.39 3.30 24.23
C LEU A 77 -6.58 4.24 24.01
N GLN A 78 -6.33 5.28 23.20
CA GLN A 78 -7.33 6.21 22.72
C GLN A 78 -7.34 6.21 21.20
N ASP A 79 -8.33 6.88 20.64
CA ASP A 79 -8.37 7.04 19.19
C ASP A 79 -7.06 7.61 18.67
N ILE A 80 -6.70 7.21 17.45
CA ILE A 80 -5.64 7.85 16.69
C ILE A 80 -6.31 8.88 15.77
N LYS A 81 -6.13 10.16 16.07
CA LYS A 81 -6.72 11.20 15.22
C LYS A 81 -6.12 11.17 13.83
N LYS A 82 -6.95 11.50 12.83
CA LYS A 82 -6.51 11.53 11.44
C LYS A 82 -5.54 12.68 11.21
N PRO A 83 -4.70 12.56 10.19
CA PRO A 83 -3.70 13.61 9.95
C PRO A 83 -4.32 14.97 9.68
N GLU A 84 -3.53 16.00 9.98
CA GLU A 84 -4.02 17.38 9.88
C GLU A 84 -4.43 17.74 8.46
N ASN A 85 -3.74 17.19 7.45
CA ASN A 85 -4.04 17.49 6.04
C ASN A 85 -4.33 16.21 5.28
N ASP A 86 -5.02 16.36 4.14
CA ASP A 86 -5.25 15.24 3.23
C ASP A 86 -4.18 15.17 2.14
N SER A 87 -3.78 16.33 1.63
CA SER A 87 -2.66 16.49 0.73
C SER A 87 -1.54 17.24 1.45
N TRP A 88 -0.32 17.15 0.93
CA TRP A 88 0.82 17.70 1.66
C TRP A 88 1.67 18.66 0.82
N GLY A 89 1.12 19.14 -0.31
CA GLY A 89 1.81 20.16 -1.10
C GLY A 89 3.07 19.64 -1.76
N SER A 90 4.10 20.47 -1.77
CA SER A 90 5.38 20.15 -2.40
C SER A 90 6.25 19.31 -1.47
N LEU A 91 7.25 18.63 -2.08
CA LEU A 91 8.17 17.83 -1.28
C LEU A 91 8.79 18.66 -0.16
N LYS A 92 9.19 19.90 -0.46
CA LYS A 92 9.70 20.76 0.60
C LYS A 92 8.62 21.06 1.63
N ASP A 93 7.37 21.29 1.17
CA ASP A 93 6.29 21.56 2.12
C ASP A 93 6.08 20.40 3.10
N ALA A 94 6.25 19.17 2.64
CA ALA A 94 6.02 18.03 3.52
C ALA A 94 7.14 17.88 4.54
N VAL A 95 8.39 18.06 4.09
CA VAL A 95 9.52 17.95 5.02
C VAL A 95 9.40 18.98 6.14
N GLN A 96 8.95 20.19 5.81
CA GLN A 96 8.63 21.19 6.84
C GLN A 96 7.53 20.68 7.76
N ALA A 97 6.47 20.11 7.18
CA ALA A 97 5.41 19.53 8.01
C ALA A 97 5.99 18.48 8.95
N ALA A 98 6.89 17.63 8.47
CA ALA A 98 7.50 16.62 9.35
C ALA A 98 8.39 17.27 10.40
N LEU A 99 9.14 18.33 10.04
CA LEU A 99 9.97 18.98 11.04
C LEU A 99 9.12 19.53 12.18
N ALA A 100 7.95 20.10 11.85
CA ALA A 100 7.10 20.64 12.91
C ALA A 100 6.59 19.52 13.78
N LEU A 101 6.34 18.36 13.19
CA LEU A 101 5.80 17.25 13.95
C LEU A 101 6.85 16.67 14.90
N GLU A 102 8.09 16.46 14.41
CA GLU A 102 9.07 15.84 15.29
C GLU A 102 9.48 16.80 16.40
N LYS A 103 9.35 18.11 16.17
CA LYS A 103 9.58 19.07 17.26
C LYS A 103 8.46 18.98 18.28
N HIS A 104 7.22 18.89 17.82
CA HIS A 104 6.11 18.71 18.75
C HIS A 104 6.36 17.47 19.61
N VAL A 105 6.72 16.36 18.96
CA VAL A 105 6.95 15.12 19.70
C VAL A 105 8.13 15.29 20.66
N ASN A 106 9.16 16.02 20.25
CA ASN A 106 10.28 16.25 21.14
C ASN A 106 9.84 17.00 22.40
N GLN A 107 9.15 18.15 22.25
CA GLN A 107 8.65 18.89 23.41
C GLN A 107 7.82 18.00 24.32
N SER A 108 7.02 17.11 23.73
CA SER A 108 6.22 16.18 24.52
C SER A 108 7.11 15.20 25.27
N LEU A 109 8.09 14.62 24.59
CA LEU A 109 9.06 13.74 25.23
C LEU A 109 9.87 14.46 26.30
N LEU A 110 10.16 15.76 26.09
CA LEU A 110 10.90 16.53 27.09
C LEU A 110 10.02 16.77 28.31
N ASP A 111 8.76 17.15 28.09
CA ASP A 111 7.87 17.33 29.23
C ASP A 111 7.67 16.03 29.98
N LEU A 112 7.62 14.91 29.26
CA LEU A 112 7.51 13.60 29.92
C LEU A 112 8.76 13.30 30.75
N HIS A 113 9.92 13.69 30.25
CA HIS A 113 11.15 13.55 31.03
C HIS A 113 11.10 14.43 32.28
N LYS A 114 10.69 15.69 32.12
CA LYS A 114 10.66 16.60 33.25
C LYS A 114 9.68 16.11 34.29
N LEU A 115 8.54 15.55 33.84
CA LEU A 115 7.58 14.96 34.76
C LEU A 115 8.21 13.78 35.51
N ALA A 116 8.80 12.84 34.77
CA ALA A 116 9.44 11.70 35.43
C ALA A 116 10.50 12.14 36.42
N ASP A 117 11.31 13.14 36.04
CA ASP A 117 12.37 13.59 36.95
C ASP A 117 11.78 14.17 38.23
N SER A 118 10.69 14.93 38.10
CA SER A 118 10.09 15.56 39.27
C SER A 118 9.55 14.54 40.26
N LYS A 119 9.18 13.35 39.79
CA LYS A 119 8.72 12.28 40.67
C LYS A 119 9.86 11.34 41.08
N GLY A 120 11.11 11.70 40.79
CA GLY A 120 12.25 10.92 41.24
C GLY A 120 12.53 9.62 40.52
N ASP A 121 11.98 9.45 39.31
CA ASP A 121 12.05 8.19 38.57
C ASP A 121 13.33 8.18 37.74
N ALA A 122 14.43 7.70 38.35
CA ALA A 122 15.72 7.73 37.68
C ALA A 122 15.75 6.80 36.46
N GLN A 123 15.18 5.60 36.57
CA GLN A 123 15.23 4.70 35.43
C GLN A 123 14.42 5.23 34.26
N MET A 124 13.21 5.74 34.51
CA MET A 124 12.42 6.28 33.42
C MET A 124 13.17 7.39 32.69
N CYS A 125 13.85 8.24 33.45
CA CYS A 125 14.61 9.32 32.84
C CYS A 125 15.67 8.78 31.90
N ASP A 126 16.49 7.83 32.37
CA ASP A 126 17.52 7.29 31.52
C ASP A 126 16.93 6.56 30.32
N TRP A 127 15.80 5.88 30.52
CA TRP A 127 15.15 5.16 29.42
C TRP A 127 14.72 6.10 28.31
N ILE A 128 14.12 7.25 28.67
CA ILE A 128 13.73 8.25 27.67
C ILE A 128 14.99 8.84 27.02
N GLU A 129 16.00 9.16 27.84
CA GLU A 129 17.27 9.62 27.30
C GLU A 129 17.83 8.63 26.30
N THR A 130 17.73 7.34 26.62
CA THR A 130 18.46 6.31 25.88
C THR A 130 17.80 6.00 24.56
N HIS A 131 16.47 5.98 24.55
CA HIS A 131 15.71 5.54 23.40
C HIS A 131 15.10 6.70 22.60
N PHE A 132 14.97 7.90 23.18
CA PHE A 132 14.19 8.93 22.48
C PHE A 132 14.88 10.29 22.35
N LEU A 133 15.48 10.82 23.42
CA LEU A 133 15.96 12.20 23.32
C LEU A 133 17.07 12.35 22.27
N THR A 134 18.08 11.47 22.27
CA THR A 134 19.14 11.68 21.31
C THR A 134 18.67 11.32 19.91
N GLU A 135 17.61 10.51 19.78
CA GLU A 135 17.18 10.16 18.42
C GLU A 135 16.43 11.35 17.81
N GLN A 136 15.58 12.01 18.61
CA GLN A 136 14.85 13.20 18.16
C GLN A 136 15.80 14.30 17.69
N VAL A 137 16.86 14.58 18.46
CA VAL A 137 17.85 15.57 18.03
C VAL A 137 18.34 15.25 16.63
N GLU A 138 18.78 14.02 16.40
CA GLU A 138 19.29 13.66 15.07
C GLU A 138 18.19 13.75 14.01
N ALA A 139 16.96 13.31 14.33
CA ALA A 139 15.86 13.36 13.37
C ALA A 139 15.54 14.81 12.95
N ILE A 140 15.47 15.71 13.93
CA ILE A 140 15.24 17.11 13.63
C ILE A 140 16.40 17.67 12.79
N LYS A 141 17.65 17.37 13.16
CA LYS A 141 18.78 17.90 12.38
C LYS A 141 18.73 17.44 10.94
N GLU A 142 18.31 16.18 10.71
CA GLU A 142 18.21 15.66 9.35
C GLU A 142 17.09 16.34 8.58
N LEU A 143 15.93 16.51 9.20
CA LEU A 143 14.87 17.24 8.53
C LEU A 143 15.33 18.65 8.16
N GLY A 144 16.04 19.32 9.08
CA GLY A 144 16.50 20.67 8.78
C GLY A 144 17.38 20.71 7.56
N ASP A 145 18.32 19.77 7.47
CA ASP A 145 19.23 19.75 6.34
C ASP A 145 18.50 19.45 5.04
N HIS A 146 17.51 18.55 5.08
CA HIS A 146 16.64 18.30 3.93
C HIS A 146 15.91 19.56 3.51
N ILE A 147 15.38 20.32 4.46
CA ILE A 147 14.71 21.56 4.10
C ILE A 147 15.70 22.52 3.44
N THR A 148 16.90 22.67 4.00
CA THR A 148 17.87 23.58 3.39
C THR A 148 18.24 23.12 1.98
N GLN A 149 18.48 21.81 1.81
CA GLN A 149 18.83 21.26 0.50
C GLN A 149 17.67 21.36 -0.50
N LEU A 150 16.43 21.11 -0.06
CA LEU A 150 15.29 21.28 -0.96
C LEU A 150 15.14 22.72 -1.43
N THR A 151 15.56 23.69 -0.61
CA THR A 151 15.51 25.08 -1.05
C THR A 151 16.64 25.39 -2.02
N ARG A 152 17.79 24.77 -1.83
CA ARG A 152 18.91 25.00 -2.75
C ARG A 152 18.61 24.46 -4.13
N VAL A 153 18.04 23.24 -4.22
CA VAL A 153 17.84 22.61 -5.53
C VAL A 153 16.66 23.18 -6.28
N GLY A 154 15.78 23.94 -5.62
CA GLY A 154 14.70 24.60 -6.33
C GLY A 154 13.54 23.67 -6.66
N PHE A 155 12.69 24.17 -7.54
CA PHE A 155 11.50 23.45 -7.97
C PHE A 155 11.69 22.86 -9.38
N GLY A 156 10.91 21.83 -9.66
CA GLY A 156 11.06 21.14 -10.93
C GLY A 156 12.15 20.09 -10.93
N LEU A 157 13.21 20.32 -11.70
CA LEU A 157 14.28 19.33 -11.83
C LEU A 157 14.94 19.04 -10.49
N GLY A 158 15.25 20.10 -9.73
CA GLY A 158 15.80 19.91 -8.40
C GLY A 158 14.97 18.98 -7.54
N GLU A 159 13.66 19.21 -7.47
CA GLU A 159 12.81 18.43 -6.57
C GLU A 159 12.87 16.95 -6.92
N TYR A 160 12.69 16.63 -8.20
CA TYR A 160 13.00 15.29 -8.71
C TYR A 160 14.32 14.76 -8.19
N THR A 161 15.40 15.49 -8.43
CA THR A 161 16.74 14.94 -8.21
C THR A 161 16.93 14.56 -6.74
N TYR A 162 16.55 15.46 -5.83
CA TYR A 162 16.74 15.20 -4.42
C TYR A 162 15.84 14.07 -3.95
N ASP A 163 14.68 13.93 -4.58
CA ASP A 163 13.78 12.82 -4.25
C ASP A 163 14.45 11.48 -4.51
N LYS A 164 14.98 11.29 -5.72
CA LYS A 164 15.52 10.00 -6.14
C LYS A 164 16.88 9.74 -5.48
N GLU A 165 17.75 10.75 -5.50
CA GLU A 165 19.15 10.59 -5.12
C GLU A 165 19.40 10.63 -3.63
N ASN A 166 18.51 11.26 -2.85
CA ASN A 166 18.74 11.47 -1.41
C ASN A 166 17.74 10.71 -0.55
N LEU A 167 16.44 11.00 -0.68
CA LEU A 167 15.45 10.26 0.09
C LEU A 167 15.30 8.80 -0.34
N GLY A 168 15.74 8.44 -1.56
CA GLY A 168 15.58 7.07 -2.07
C GLY A 168 16.57 5.99 -1.65
N THR B 2 -4.73 11.40 -17.41
CA THR B 2 -5.78 10.76 -16.61
C THR B 2 -5.74 9.23 -16.61
N ILE B 3 -5.32 8.62 -15.50
CA ILE B 3 -5.22 7.17 -15.48
C ILE B 3 -6.55 6.49 -15.12
N ARG B 4 -7.48 7.22 -14.52
CA ARG B 4 -8.72 6.61 -14.06
C ARG B 4 -9.51 6.04 -15.23
N GLN B 5 -9.93 4.79 -15.10
CA GLN B 5 -10.64 4.11 -16.17
C GLN B 5 -11.45 2.99 -15.54
N ASN B 6 -12.77 3.02 -15.76
CA ASN B 6 -13.69 2.00 -15.25
C ASN B 6 -13.58 1.88 -13.73
N TYR B 7 -13.48 3.01 -13.04
CA TYR B 7 -13.33 3.03 -11.59
C TYR B 7 -14.42 3.92 -11.00
N ASN B 8 -15.43 3.30 -10.41
CA ASN B 8 -16.59 4.02 -9.93
C ASN B 8 -16.31 4.85 -8.68
N GLU B 9 -17.14 5.86 -8.49
CA GLU B 9 -16.95 6.78 -7.37
C GLU B 9 -17.44 6.18 -6.04
N THR B 10 -18.47 5.32 -6.05
CA THR B 10 -18.82 4.58 -4.84
C THR B 10 -17.83 3.47 -4.55
N SER B 11 -17.27 2.83 -5.58
CA SER B 11 -16.11 1.95 -5.38
C SER B 11 -15.03 2.67 -4.57
N GLU B 12 -14.56 3.81 -5.10
CA GLU B 12 -13.56 4.65 -4.43
C GLU B 12 -13.93 4.95 -2.97
N ALA B 13 -15.22 5.21 -2.71
CA ALA B 13 -15.61 5.52 -1.35
C ALA B 13 -15.53 4.29 -0.46
N GLY B 14 -15.75 3.10 -1.03
CA GLY B 14 -15.66 1.89 -0.24
C GLY B 14 -14.24 1.48 0.06
N VAL B 15 -13.31 1.75 -0.86
CA VAL B 15 -11.90 1.48 -0.58
C VAL B 15 -11.44 2.37 0.57
N ASN B 16 -11.84 3.64 0.55
CA ASN B 16 -11.50 4.52 1.67
C ASN B 16 -12.01 3.95 2.99
N LYS B 17 -13.24 3.38 2.99
CA LYS B 17 -13.76 2.75 4.20
C LYS B 17 -12.94 1.51 4.60
N GLN B 18 -12.65 0.64 3.64
CA GLN B 18 -11.94 -0.60 3.96
C GLN B 18 -10.56 -0.32 4.51
N ILE B 19 -9.92 0.76 4.02
CA ILE B 19 -8.64 1.19 4.58
C ILE B 19 -8.78 1.46 6.08
N ASN B 20 -9.85 2.17 6.46
CA ASN B 20 -10.07 2.46 7.88
C ASN B 20 -10.30 1.17 8.67
N LEU B 21 -11.09 0.25 8.10
CA LEU B 21 -11.37 -1.00 8.80
C LEU B 21 -10.10 -1.81 9.03
N GLU B 22 -9.22 -1.93 8.01
CA GLU B 22 -8.03 -2.74 8.26
C GLU B 22 -7.11 -2.02 9.26
N LEU B 23 -7.08 -0.68 9.28
CA LEU B 23 -6.33 0.03 10.32
C LEU B 23 -6.93 -0.23 11.69
N TYR B 24 -8.25 -0.09 11.82
CA TYR B 24 -8.92 -0.45 13.06
C TYR B 24 -8.53 -1.86 13.51
N ALA B 25 -8.43 -2.80 12.56
CA ALA B 25 -8.03 -4.16 12.93
C ALA B 25 -6.58 -4.21 13.35
N SER B 26 -5.71 -3.52 12.60
CA SER B 26 -4.33 -3.44 13.03
C SER B 26 -4.23 -2.97 14.47
N TYR B 27 -5.10 -2.04 14.86
CA TYR B 27 -4.94 -1.42 16.16
C TYR B 27 -5.55 -2.30 17.25
N THR B 28 -6.55 -3.11 16.88
CA THR B 28 -7.13 -4.04 17.84
C THR B 28 -6.16 -5.16 18.18
N TYR B 29 -5.47 -5.70 17.18
CA TYR B 29 -4.50 -6.76 17.46
C TYR B 29 -3.33 -6.24 18.29
N LEU B 30 -2.89 -5.01 18.04
CA LEU B 30 -1.86 -4.42 18.87
C LEU B 30 -2.33 -4.34 20.32
N SER B 31 -3.60 -4.01 20.53
CA SER B 31 -4.14 -3.95 21.88
C SER B 31 -4.08 -5.33 22.53
N MET B 32 -4.40 -6.37 21.75
CA MET B 32 -4.32 -7.73 22.28
C MET B 32 -2.87 -8.13 22.55
N ALA B 33 -1.98 -7.86 21.61
CA ALA B 33 -0.60 -8.29 21.75
C ALA B 33 0.01 -7.79 23.05
N PHE B 34 -0.24 -6.53 23.41
CA PHE B 34 0.38 -5.98 24.60
C PHE B 34 -0.42 -6.24 25.86
N TYR B 35 -1.63 -6.75 25.73
CA TYR B 35 -2.36 -7.24 26.89
C TYR B 35 -1.72 -8.53 27.42
N PHE B 36 -1.30 -9.43 26.52
CA PHE B 36 -0.61 -10.65 26.94
C PHE B 36 0.85 -10.39 27.33
N ASP B 37 1.40 -9.22 27.02
CA ASP B 37 2.69 -8.82 27.59
C ASP B 37 2.58 -8.21 28.97
N ASN B 38 1.38 -7.85 29.40
CA ASN B 38 1.18 -7.34 30.75
C ASN B 38 1.52 -8.39 31.79
N THR B 39 2.20 -7.97 32.86
CA THR B 39 2.75 -8.91 33.84
C THR B 39 1.66 -9.78 34.49
N THR B 40 0.45 -9.27 34.66
CA THR B 40 -0.60 -10.07 35.28
C THR B 40 -1.28 -11.02 34.32
N VAL B 41 -0.93 -10.98 33.03
CA VAL B 41 -1.42 -11.94 32.06
C VAL B 41 -0.30 -12.89 31.62
N ALA B 42 0.76 -12.37 31.01
CA ALA B 42 2.02 -13.08 30.81
C ALA B 42 1.92 -14.34 29.94
N LEU B 43 1.53 -14.18 28.67
CA LEU B 43 1.57 -15.28 27.71
C LEU B 43 2.39 -14.79 26.52
N PRO B 44 3.69 -15.09 26.51
CA PRO B 44 4.55 -14.51 25.44
C PRO B 44 4.17 -15.00 24.06
N GLY B 45 3.77 -16.27 23.90
CA GLY B 45 3.41 -16.75 22.58
C GLY B 45 2.30 -15.94 21.96
N ALA B 46 1.23 -15.69 22.74
CA ALA B 46 0.14 -14.86 22.23
C ALA B 46 0.60 -13.45 21.92
N HIS B 47 1.57 -12.93 22.68
CA HIS B 47 2.11 -11.62 22.40
C HIS B 47 2.67 -11.59 20.97
N LYS B 48 3.58 -12.53 20.68
CA LYS B 48 4.11 -12.78 19.33
C LYS B 48 2.97 -12.90 18.32
N TYR B 49 2.01 -13.78 18.61
CA TYR B 49 1.00 -14.16 17.63
C TYR B 49 0.15 -12.98 17.22
N PHE B 50 -0.23 -12.13 18.17
CA PHE B 50 -1.07 -10.97 17.88
C PHE B 50 -0.28 -9.75 17.42
N LYS B 51 1.01 -9.66 17.76
CA LYS B 51 1.84 -8.63 17.16
C LYS B 51 1.95 -8.84 15.64
N LYS B 52 2.15 -10.10 15.21
CA LYS B 52 2.26 -10.34 13.78
C LYS B 52 0.93 -10.09 13.09
N ALA B 53 -0.17 -10.48 13.72
CA ALA B 53 -1.48 -10.19 13.17
C ALA B 53 -1.67 -8.69 12.98
N SER B 54 -1.27 -7.87 13.96
CA SER B 54 -1.35 -6.42 13.80
C SER B 54 -0.46 -5.91 12.68
N ASP B 55 0.67 -6.60 12.44
CA ASP B 55 1.53 -6.24 11.31
C ASP B 55 0.84 -6.49 9.98
N GLU B 56 0.18 -7.63 9.88
CA GLU B 56 -0.45 -8.09 8.67
C GLU B 56 -1.64 -7.24 8.24
N GLU B 57 -2.63 -6.98 9.12
CA GLU B 57 -3.72 -6.13 8.65
C GLU B 57 -3.22 -4.69 8.39
N ARG B 58 -2.13 -4.27 9.01
CA ARG B 58 -1.54 -3.00 8.59
C ARG B 58 -0.98 -3.07 7.17
N GLU B 59 -0.35 -4.19 6.79
CA GLU B 59 -0.03 -4.42 5.39
C GLU B 59 -1.28 -4.36 4.55
N HIS B 60 -2.36 -5.05 4.98
CA HIS B 60 -3.66 -4.95 4.32
C HIS B 60 -3.99 -3.50 3.98
N ALA B 61 -3.92 -2.61 4.96
CA ALA B 61 -4.25 -1.21 4.72
C ALA B 61 -3.37 -0.62 3.62
N MET B 62 -2.06 -0.87 3.68
CA MET B 62 -1.17 -0.27 2.70
C MET B 62 -1.35 -0.87 1.33
N LEU B 63 -1.80 -2.11 1.27
CA LEU B 63 -2.15 -2.71 0.00
C LEU B 63 -3.40 -2.06 -0.59
N LEU B 64 -4.35 -1.69 0.26
CA LEU B 64 -5.51 -0.96 -0.22
C LEU B 64 -5.17 0.49 -0.56
N MET B 65 -4.24 1.10 0.20
CA MET B 65 -3.80 2.43 -0.16
C MET B 65 -3.14 2.42 -1.53
N LYS B 66 -2.28 1.43 -1.78
CA LYS B 66 -1.63 1.34 -3.08
C LYS B 66 -2.66 1.18 -4.20
N PHE B 67 -3.63 0.28 -4.00
CA PHE B 67 -4.66 0.08 -5.02
C PHE B 67 -5.43 1.36 -5.31
N GLN B 68 -5.78 2.14 -4.28
CA GLN B 68 -6.45 3.41 -4.48
C GLN B 68 -5.68 4.30 -5.45
N ASN B 69 -4.38 4.47 -5.20
CA ASN B 69 -3.57 5.28 -6.10
C ASN B 69 -3.52 4.67 -7.49
N GLN B 70 -3.31 3.35 -7.59
CA GLN B 70 -3.17 2.73 -8.92
C GLN B 70 -4.43 2.95 -9.77
N ARG B 71 -5.60 2.90 -9.15
CA ARG B 71 -6.81 3.03 -9.94
C ARG B 71 -7.13 4.47 -10.29
N GLY B 72 -6.52 5.44 -9.60
CA GLY B 72 -6.72 6.84 -9.91
C GLY B 72 -7.67 7.57 -8.99
N GLY B 73 -8.00 6.99 -7.85
CA GLY B 73 -8.80 7.65 -6.85
C GLY B 73 -7.95 8.50 -5.94
N THR B 74 -8.55 8.92 -4.83
CA THR B 74 -7.93 9.79 -3.83
C THR B 74 -8.11 9.16 -2.47
N ILE B 75 -7.00 8.82 -1.80
CA ILE B 75 -7.07 8.33 -0.43
C ILE B 75 -7.62 9.42 0.45
N VAL B 76 -8.60 9.07 1.31
CA VAL B 76 -9.11 9.98 2.34
C VAL B 76 -9.16 9.23 3.67
N LEU B 77 -8.42 9.72 4.66
CA LEU B 77 -8.29 9.04 5.94
C LEU B 77 -9.28 9.57 6.99
N GLN B 78 -9.64 8.69 7.92
CA GLN B 78 -10.42 9.03 9.10
C GLN B 78 -9.68 8.55 10.35
N ASP B 79 -10.11 9.07 11.49
CA ASP B 79 -9.68 8.54 12.78
C ASP B 79 -9.75 7.02 12.79
N ILE B 80 -8.74 6.40 13.38
CA ILE B 80 -8.79 4.99 13.76
C ILE B 80 -9.39 4.91 15.16
N LYS B 81 -10.53 4.23 15.29
CA LYS B 81 -11.17 4.20 16.61
C LYS B 81 -10.45 3.20 17.50
N LYS B 82 -10.40 3.50 18.80
CA LYS B 82 -9.75 2.66 19.79
C LYS B 82 -10.43 1.30 19.81
N PRO B 83 -9.73 0.26 20.24
CA PRO B 83 -10.32 -1.09 20.25
C PRO B 83 -11.50 -1.18 21.21
N GLU B 84 -12.35 -2.17 20.96
CA GLU B 84 -13.62 -2.22 21.67
C GLU B 84 -13.44 -2.50 23.15
N ASN B 85 -12.35 -3.18 23.53
CA ASN B 85 -12.03 -3.51 24.92
C ASN B 85 -10.64 -3.01 25.31
N ASP B 86 -10.45 -2.88 26.62
CA ASP B 86 -9.14 -2.56 27.19
C ASP B 86 -8.38 -3.81 27.61
N SER B 87 -9.05 -4.75 28.28
CA SER B 87 -8.51 -6.06 28.56
C SER B 87 -9.30 -7.09 27.77
N TRP B 88 -8.71 -8.27 27.59
CA TRP B 88 -9.26 -9.25 26.66
C TRP B 88 -9.52 -10.63 27.27
N GLY B 89 -9.54 -10.74 28.60
CA GLY B 89 -9.96 -11.98 29.24
C GLY B 89 -8.96 -13.11 29.06
N SER B 90 -9.48 -14.33 28.88
CA SER B 90 -8.60 -15.48 28.75
C SER B 90 -8.05 -15.58 27.33
N LEU B 91 -7.10 -16.51 27.15
CA LEU B 91 -6.55 -16.70 25.82
C LEU B 91 -7.63 -17.13 24.84
N LYS B 92 -8.56 -17.98 25.28
CA LYS B 92 -9.67 -18.38 24.43
C LYS B 92 -10.57 -17.19 24.12
N ASP B 93 -10.94 -16.40 25.14
CA ASP B 93 -11.76 -15.20 24.90
C ASP B 93 -11.16 -14.30 23.83
N ALA B 94 -9.83 -14.08 23.88
CA ALA B 94 -9.21 -13.18 22.90
C ALA B 94 -9.24 -13.74 21.48
N VAL B 95 -9.11 -15.06 21.33
CA VAL B 95 -9.16 -15.65 20.00
C VAL B 95 -10.59 -15.66 19.47
N GLN B 96 -11.58 -15.73 20.37
CA GLN B 96 -12.96 -15.57 19.91
C GLN B 96 -13.22 -14.16 19.39
N ALA B 97 -12.71 -13.12 20.07
CA ALA B 97 -12.84 -11.76 19.56
C ALA B 97 -12.11 -11.60 18.22
N ALA B 98 -10.92 -12.18 18.09
CA ALA B 98 -10.23 -12.15 16.80
C ALA B 98 -11.04 -12.87 15.72
N LEU B 99 -11.73 -13.96 16.06
CA LEU B 99 -12.60 -14.58 15.06
C LEU B 99 -13.74 -13.65 14.67
N ALA B 100 -14.35 -12.98 15.65
CA ALA B 100 -15.44 -12.07 15.35
C ALA B 100 -14.94 -10.90 14.52
N LEU B 101 -13.74 -10.41 14.85
CA LEU B 101 -13.17 -9.29 14.10
C LEU B 101 -12.90 -9.67 12.65
N GLU B 102 -12.26 -10.83 12.40
CA GLU B 102 -11.93 -11.16 11.01
C GLU B 102 -13.18 -11.53 10.21
N LYS B 103 -14.26 -12.00 10.87
CA LYS B 103 -15.52 -12.19 10.16
C LYS B 103 -16.16 -10.86 9.81
N HIS B 104 -15.99 -9.87 10.68
CA HIS B 104 -16.52 -8.55 10.37
C HIS B 104 -15.77 -7.96 9.18
N VAL B 105 -14.45 -8.18 9.13
CA VAL B 105 -13.66 -7.69 8.02
C VAL B 105 -14.01 -8.42 6.74
N ASN B 106 -14.12 -9.74 6.82
CA ASN B 106 -14.52 -10.53 5.65
C ASN B 106 -15.84 -10.00 5.06
N GLN B 107 -16.87 -9.84 5.89
CA GLN B 107 -18.15 -9.33 5.40
C GLN B 107 -17.99 -7.99 4.64
N SER B 108 -17.17 -7.07 5.16
CA SER B 108 -16.92 -5.83 4.41
C SER B 108 -16.23 -6.11 3.09
N LEU B 109 -15.25 -7.02 3.09
CA LEU B 109 -14.58 -7.31 1.84
C LEU B 109 -15.54 -7.94 0.84
N LEU B 110 -16.53 -8.68 1.34
CA LEU B 110 -17.51 -9.27 0.45
C LEU B 110 -18.48 -8.21 -0.06
N ASP B 111 -18.82 -7.24 0.80
CA ASP B 111 -19.70 -6.15 0.37
C ASP B 111 -18.98 -5.25 -0.64
N LEU B 112 -17.69 -4.99 -0.43
CA LEU B 112 -16.93 -4.20 -1.39
C LEU B 112 -16.86 -4.91 -2.73
N HIS B 113 -16.67 -6.23 -2.69
CA HIS B 113 -16.64 -7.01 -3.91
C HIS B 113 -17.97 -6.93 -4.64
N LYS B 114 -19.06 -7.19 -3.93
CA LYS B 114 -20.38 -7.09 -4.54
C LYS B 114 -20.60 -5.68 -5.09
N LEU B 115 -20.12 -4.67 -4.38
CA LEU B 115 -20.22 -3.31 -4.86
C LEU B 115 -19.45 -3.14 -6.17
N ALA B 116 -18.14 -3.44 -6.14
CA ALA B 116 -17.32 -3.38 -7.34
C ALA B 116 -17.98 -4.15 -8.48
N ASP B 117 -18.55 -5.30 -8.16
CA ASP B 117 -19.15 -6.12 -9.20
C ASP B 117 -20.33 -5.41 -9.84
N SER B 118 -21.19 -4.81 -9.01
CA SER B 118 -22.39 -4.13 -9.51
C SER B 118 -22.06 -3.01 -10.49
N LYS B 119 -20.86 -2.43 -10.40
CA LYS B 119 -20.42 -1.38 -11.30
C LYS B 119 -19.52 -1.88 -12.43
N GLY B 120 -19.47 -3.19 -12.65
CA GLY B 120 -18.73 -3.74 -13.77
C GLY B 120 -17.22 -3.65 -13.66
N ASP B 121 -16.67 -3.61 -12.43
CA ASP B 121 -15.25 -3.39 -12.24
C ASP B 121 -14.53 -4.74 -12.12
N ALA B 122 -14.25 -5.33 -13.30
CA ALA B 122 -13.64 -6.67 -13.32
C ALA B 122 -12.30 -6.71 -12.58
N GLN B 123 -11.47 -5.68 -12.76
CA GLN B 123 -10.14 -5.74 -12.16
C GLN B 123 -10.21 -5.62 -10.64
N MET B 124 -11.03 -4.71 -10.12
CA MET B 124 -11.14 -4.59 -8.68
C MET B 124 -11.70 -5.85 -8.04
N CYS B 125 -12.54 -6.57 -8.75
CA CYS B 125 -13.03 -7.84 -8.23
C CYS B 125 -11.90 -8.84 -8.07
N ASP B 126 -11.09 -9.00 -9.12
CA ASP B 126 -10.04 -10.01 -9.07
C ASP B 126 -8.95 -9.60 -8.12
N TRP B 127 -8.72 -8.30 -7.96
CA TRP B 127 -7.76 -7.81 -6.96
C TRP B 127 -8.20 -8.21 -5.55
N ILE B 128 -9.48 -8.00 -5.24
CA ILE B 128 -10.01 -8.40 -3.93
C ILE B 128 -10.00 -9.93 -3.76
N GLU B 129 -10.31 -10.67 -4.83
CA GLU B 129 -10.24 -12.13 -4.76
C GLU B 129 -8.83 -12.60 -4.44
N THR B 130 -7.82 -11.90 -4.97
CA THR B 130 -6.44 -12.37 -5.02
C THR B 130 -5.64 -12.03 -3.78
N HIS B 131 -5.93 -10.90 -3.15
CA HIS B 131 -5.18 -10.43 -2.01
C HIS B 131 -5.91 -10.59 -0.69
N PHE B 132 -7.23 -10.76 -0.72
CA PHE B 132 -7.96 -10.69 0.54
C PHE B 132 -8.91 -11.85 0.80
N LEU B 133 -9.62 -12.34 -0.21
CA LEU B 133 -10.71 -13.27 0.05
C LEU B 133 -10.20 -14.64 0.45
N THR B 134 -9.25 -15.20 -0.30
CA THR B 134 -8.77 -16.51 0.12
C THR B 134 -7.98 -16.40 1.41
N GLU B 135 -7.31 -15.27 1.63
CA GLU B 135 -6.53 -15.16 2.85
C GLU B 135 -7.43 -15.01 4.06
N GLN B 136 -8.52 -14.27 3.92
CA GLN B 136 -9.50 -14.18 5.00
C GLN B 136 -10.04 -15.56 5.36
N VAL B 137 -10.46 -16.32 4.35
CA VAL B 137 -10.95 -17.68 4.56
C VAL B 137 -9.94 -18.51 5.36
N GLU B 138 -8.65 -18.41 5.02
CA GLU B 138 -7.65 -19.16 5.77
C GLU B 138 -7.49 -18.59 7.18
N ALA B 139 -7.49 -17.27 7.33
CA ALA B 139 -7.43 -16.67 8.65
C ALA B 139 -8.56 -17.17 9.55
N ILE B 140 -9.78 -17.19 9.01
CA ILE B 140 -10.93 -17.60 9.80
C ILE B 140 -10.80 -19.07 10.24
N LYS B 141 -10.48 -19.96 9.29
CA LYS B 141 -10.35 -21.38 9.61
C LYS B 141 -9.25 -21.63 10.65
N GLU B 142 -8.16 -20.86 10.57
CA GLU B 142 -7.09 -21.02 11.55
C GLU B 142 -7.59 -20.65 12.93
N LEU B 143 -8.20 -19.46 13.06
CA LEU B 143 -8.74 -19.07 14.35
C LEU B 143 -9.74 -20.10 14.86
N GLY B 144 -10.62 -20.57 13.97
CA GLY B 144 -11.57 -21.59 14.37
C GLY B 144 -10.91 -22.80 14.99
N ASP B 145 -9.78 -23.23 14.43
CA ASP B 145 -9.09 -24.39 14.99
C ASP B 145 -8.49 -24.08 16.36
N HIS B 146 -7.86 -22.90 16.49
CA HIS B 146 -7.32 -22.51 17.79
C HIS B 146 -8.39 -22.52 18.88
N ILE B 147 -9.61 -22.08 18.54
CA ILE B 147 -10.66 -22.05 19.55
C ILE B 147 -11.04 -23.45 19.97
N THR B 148 -11.14 -24.38 19.02
CA THR B 148 -11.42 -25.76 19.39
C THR B 148 -10.32 -26.28 20.32
N GLN B 149 -9.06 -26.05 19.94
CA GLN B 149 -7.92 -26.50 20.73
C GLN B 149 -7.87 -25.86 22.12
N LEU B 150 -8.07 -24.55 22.20
CA LEU B 150 -8.05 -23.91 23.51
C LEU B 150 -9.15 -24.46 24.42
N THR B 151 -10.30 -24.82 23.84
CA THR B 151 -11.32 -25.50 24.62
C THR B 151 -10.86 -26.89 25.03
N ARG B 152 -10.21 -27.63 24.13
CA ARG B 152 -9.77 -28.99 24.43
C ARG B 152 -8.75 -29.02 25.58
N VAL B 153 -7.72 -28.17 25.51
CA VAL B 153 -6.69 -28.19 26.55
C VAL B 153 -7.20 -27.59 27.86
N GLY B 154 -8.30 -26.86 27.83
CA GLY B 154 -8.79 -26.37 29.10
C GLY B 154 -7.97 -25.22 29.66
N PHE B 155 -8.19 -24.95 30.94
CA PHE B 155 -7.56 -23.81 31.60
C PHE B 155 -6.32 -24.25 32.39
N GLY B 156 -5.57 -23.25 32.85
CA GLY B 156 -4.36 -23.47 33.60
C GLY B 156 -3.20 -23.98 32.77
N LEU B 157 -2.80 -25.24 33.03
CA LEU B 157 -1.66 -25.83 32.37
C LEU B 157 -1.85 -25.82 30.85
N GLY B 158 -3.04 -26.23 30.40
CA GLY B 158 -3.32 -26.26 28.97
C GLY B 158 -3.18 -24.90 28.30
N GLU B 159 -3.70 -23.84 28.93
CA GLU B 159 -3.62 -22.53 28.29
C GLU B 159 -2.16 -22.13 28.09
N TYR B 160 -1.33 -22.35 29.11
CA TYR B 160 0.10 -22.11 28.98
C TYR B 160 0.69 -22.90 27.82
N THR B 161 0.38 -24.21 27.77
CA THR B 161 1.06 -25.09 26.82
C THR B 161 0.75 -24.68 25.40
N TYR B 162 -0.54 -24.38 25.12
CA TYR B 162 -0.92 -23.99 23.77
C TYR B 162 -0.31 -22.64 23.38
N ASP B 163 -0.27 -21.68 24.32
CA ASP B 163 0.43 -20.43 24.05
C ASP B 163 1.85 -20.67 23.57
N LYS B 164 2.64 -21.42 24.35
CA LYS B 164 4.06 -21.59 24.04
C LYS B 164 4.26 -22.42 22.78
N GLU B 165 3.63 -23.60 22.71
CA GLU B 165 3.97 -24.59 21.70
C GLU B 165 3.29 -24.36 20.36
N ASN B 166 2.32 -23.47 20.27
CA ASN B 166 1.58 -23.27 19.03
C ASN B 166 1.65 -21.83 18.55
N LEU B 167 1.11 -20.88 19.33
CA LEU B 167 1.05 -19.49 18.93
C LEU B 167 2.43 -18.83 18.80
N GLY B 168 3.47 -19.36 19.49
CA GLY B 168 4.83 -18.85 19.37
C GLY B 168 5.71 -19.57 18.36
N THR C 2 -13.06 -33.81 -29.95
CA THR C 2 -13.21 -32.37 -29.85
C THR C 2 -12.94 -31.77 -28.47
N ILE C 3 -12.07 -30.76 -28.41
CA ILE C 3 -11.70 -30.15 -27.13
C ILE C 3 -12.54 -28.94 -26.78
N ARG C 4 -13.12 -28.27 -27.77
CA ARG C 4 -13.89 -27.05 -27.52
C ARG C 4 -14.99 -27.31 -26.50
N GLN C 5 -15.12 -26.43 -25.53
CA GLN C 5 -16.14 -26.63 -24.50
C GLN C 5 -16.40 -25.31 -23.79
N ASN C 6 -17.67 -24.88 -23.81
CA ASN C 6 -18.08 -23.60 -23.25
C ASN C 6 -17.21 -22.49 -23.80
N TYR C 7 -17.06 -22.47 -25.13
CA TYR C 7 -16.25 -21.47 -25.83
C TYR C 7 -17.08 -20.94 -27.00
N ASN C 8 -17.65 -19.75 -26.80
CA ASN C 8 -18.68 -19.23 -27.68
C ASN C 8 -18.06 -18.51 -28.88
N GLU C 9 -18.78 -18.51 -30.01
CA GLU C 9 -18.18 -18.06 -31.26
C GLU C 9 -17.90 -16.56 -31.28
N THR C 10 -18.69 -15.76 -30.55
CA THR C 10 -18.36 -14.34 -30.50
C THR C 10 -17.20 -14.10 -29.55
N SER C 11 -17.02 -14.96 -28.55
CA SER C 11 -15.78 -14.90 -27.77
C SER C 11 -14.57 -15.16 -28.67
N GLU C 12 -14.64 -16.21 -29.49
CA GLU C 12 -13.54 -16.55 -30.39
C GLU C 12 -13.24 -15.41 -31.35
N ALA C 13 -14.28 -14.72 -31.84
CA ALA C 13 -14.08 -13.58 -32.72
C ALA C 13 -13.44 -12.41 -31.97
N GLY C 14 -13.80 -12.22 -30.71
CA GLY C 14 -13.14 -11.19 -29.91
C GLY C 14 -11.67 -11.45 -29.70
N VAL C 15 -11.31 -12.72 -29.43
CA VAL C 15 -9.91 -13.09 -29.25
C VAL C 15 -9.12 -12.77 -30.51
N ASN C 16 -9.68 -13.02 -31.68
CA ASN C 16 -8.98 -12.68 -32.92
C ASN C 16 -8.77 -11.17 -33.04
N LYS C 17 -9.76 -10.37 -32.61
CA LYS C 17 -9.61 -8.92 -32.65
C LYS C 17 -8.54 -8.42 -31.68
N GLN C 18 -8.40 -9.06 -30.51
CA GLN C 18 -7.43 -8.60 -29.53
C GLN C 18 -6.00 -9.04 -29.87
N ILE C 19 -5.84 -10.11 -30.66
CA ILE C 19 -4.51 -10.43 -31.18
C ILE C 19 -4.04 -9.35 -32.12
N ASN C 20 -4.94 -8.79 -32.92
CA ASN C 20 -4.54 -7.74 -33.86
C ASN C 20 -4.17 -6.48 -33.13
N LEU C 21 -4.96 -6.12 -32.11
CA LEU C 21 -4.69 -4.91 -31.35
C LEU C 21 -3.37 -5.01 -30.59
N GLU C 22 -3.11 -6.15 -29.93
CA GLU C 22 -1.83 -6.25 -29.23
C GLU C 22 -0.65 -6.28 -30.22
N LEU C 23 -0.85 -6.80 -31.45
CA LEU C 23 0.20 -6.70 -32.46
C LEU C 23 0.35 -5.26 -32.95
N TYR C 24 -0.77 -4.56 -33.14
CA TYR C 24 -0.76 -3.14 -33.46
C TYR C 24 0.00 -2.35 -32.41
N ALA C 25 -0.19 -2.68 -31.13
CA ALA C 25 0.51 -1.92 -30.09
C ALA C 25 2.00 -2.20 -30.13
N SER C 26 2.37 -3.48 -30.27
CA SER C 26 3.77 -3.84 -30.49
C SER C 26 4.40 -3.00 -31.57
N TYR C 27 3.64 -2.73 -32.64
CA TYR C 27 4.25 -2.08 -33.79
C TYR C 27 4.34 -0.55 -33.58
N THR C 28 3.41 0.02 -32.83
CA THR C 28 3.57 1.42 -32.41
C THR C 28 4.80 1.60 -31.52
N TYR C 29 4.96 0.74 -30.51
CA TYR C 29 6.12 0.90 -29.62
C TYR C 29 7.43 0.78 -30.37
N LEU C 30 7.51 -0.18 -31.29
CA LEU C 30 8.68 -0.26 -32.16
C LEU C 30 8.95 1.06 -32.87
N SER C 31 7.88 1.65 -33.43
CA SER C 31 8.02 2.92 -34.13
C SER C 31 8.64 3.98 -33.23
N MET C 32 8.14 4.09 -32.00
CA MET C 32 8.68 5.08 -31.07
C MET C 32 10.13 4.77 -30.71
N ALA C 33 10.42 3.51 -30.35
CA ALA C 33 11.74 3.15 -29.87
C ALA C 33 12.80 3.53 -30.88
N PHE C 34 12.49 3.37 -32.16
CA PHE C 34 13.45 3.77 -33.18
C PHE C 34 13.32 5.22 -33.59
N TYR C 35 12.26 5.90 -33.15
CA TYR C 35 12.26 7.34 -33.27
C TYR C 35 13.28 7.97 -32.33
N PHE C 36 13.39 7.44 -31.12
CA PHE C 36 14.34 7.98 -30.15
C PHE C 36 15.78 7.57 -30.46
N ASP C 37 15.98 6.56 -31.31
CA ASP C 37 17.30 6.20 -31.79
C ASP C 37 17.79 7.12 -32.90
N ASN C 38 16.87 7.87 -33.52
CA ASN C 38 17.20 8.80 -34.60
C ASN C 38 18.09 9.95 -34.11
N THR C 39 19.14 10.24 -34.88
CA THR C 39 20.20 11.15 -34.43
C THR C 39 19.72 12.57 -34.15
N THR C 40 18.57 12.98 -34.68
CA THR C 40 18.03 14.29 -34.35
C THR C 40 17.26 14.27 -33.03
N VAL C 41 17.07 13.10 -32.44
CA VAL C 41 16.30 12.94 -31.22
C VAL C 41 17.27 12.46 -30.13
N ALA C 42 17.75 11.22 -30.28
CA ALA C 42 18.90 10.71 -29.55
C ALA C 42 18.65 10.62 -28.04
N LEU C 43 17.65 9.82 -27.67
CA LEU C 43 17.35 9.55 -26.26
C LEU C 43 17.50 8.05 -26.02
N PRO C 44 18.72 7.58 -25.68
CA PRO C 44 18.95 6.13 -25.59
C PRO C 44 18.11 5.41 -24.54
N GLY C 45 17.81 6.05 -23.41
CA GLY C 45 16.94 5.42 -22.43
C GLY C 45 15.58 5.06 -22.99
N ALA C 46 14.96 6.02 -23.70
CA ALA C 46 13.64 5.78 -24.27
C ALA C 46 13.68 4.70 -25.35
N HIS C 47 14.72 4.70 -26.18
CA HIS C 47 14.90 3.62 -27.15
C HIS C 47 14.83 2.27 -26.44
N LYS C 48 15.54 2.16 -25.35
CA LYS C 48 15.57 0.90 -24.65
C LYS C 48 14.22 0.60 -24.00
N TYR C 49 13.56 1.62 -23.46
CA TYR C 49 12.29 1.42 -22.75
C TYR C 49 11.17 1.02 -23.72
N PHE C 50 11.06 1.70 -24.85
CA PHE C 50 9.99 1.38 -25.79
C PHE C 50 10.29 0.13 -26.63
N LYS C 51 11.57 -0.21 -26.87
CA LYS C 51 11.86 -1.51 -27.44
C LYS C 51 11.30 -2.63 -26.58
N LYS C 52 11.50 -2.52 -25.27
CA LYS C 52 11.06 -3.56 -24.36
C LYS C 52 9.53 -3.63 -24.32
N ALA C 53 8.86 -2.47 -24.18
CA ALA C 53 7.41 -2.41 -24.29
C ALA C 53 6.90 -3.06 -25.60
N SER C 54 7.62 -2.91 -26.70
CA SER C 54 7.24 -3.59 -27.93
C SER C 54 7.36 -5.11 -27.79
N ASP C 55 8.32 -5.59 -26.99
CA ASP C 55 8.50 -7.04 -26.83
C ASP C 55 7.35 -7.62 -26.02
N GLU C 56 7.18 -7.13 -24.81
CA GLU C 56 5.91 -7.05 -24.09
C GLU C 56 4.58 -7.12 -24.86
N GLU C 57 4.10 -6.08 -25.57
CA GLU C 57 2.77 -6.32 -26.14
C GLU C 57 2.83 -7.38 -27.27
N ARG C 58 4.01 -7.71 -27.81
CA ARG C 58 4.12 -8.87 -28.72
C ARG C 58 3.97 -10.20 -27.97
N GLU C 59 4.54 -10.29 -26.76
CA GLU C 59 4.28 -11.44 -25.88
C GLU C 59 2.79 -11.56 -25.56
N HIS C 60 2.12 -10.42 -25.32
CA HIS C 60 0.66 -10.39 -25.18
C HIS C 60 -0.02 -11.11 -26.34
N ALA C 61 0.36 -10.74 -27.57
CA ALA C 61 -0.28 -11.32 -28.75
C ALA C 61 -0.09 -12.83 -28.77
N MET C 62 1.12 -13.28 -28.52
CA MET C 62 1.38 -14.73 -28.55
C MET C 62 0.62 -15.42 -27.42
N LEU C 63 0.52 -14.76 -26.26
CA LEU C 63 -0.27 -15.31 -25.16
C LEU C 63 -1.70 -15.56 -25.60
N LEU C 64 -2.28 -14.63 -26.37
CA LEU C 64 -3.66 -14.77 -26.84
C LEU C 64 -3.78 -15.81 -27.95
N MET C 65 -2.78 -15.89 -28.83
CA MET C 65 -2.83 -16.91 -29.86
C MET C 65 -2.81 -18.27 -29.22
N LYS C 66 -1.99 -18.41 -28.18
CA LYS C 66 -1.95 -19.65 -27.40
C LYS C 66 -3.31 -19.94 -26.80
N PHE C 67 -3.97 -18.91 -26.26
CA PHE C 67 -5.27 -19.12 -25.63
C PHE C 67 -6.31 -19.55 -26.66
N GLN C 68 -6.30 -18.91 -27.83
CA GLN C 68 -7.19 -19.32 -28.91
C GLN C 68 -7.05 -20.81 -29.21
N ASN C 69 -5.81 -21.31 -29.27
CA ASN C 69 -5.60 -22.72 -29.58
C ASN C 69 -6.00 -23.63 -28.41
N GLN C 70 -5.80 -23.20 -27.17
CA GLN C 70 -6.12 -24.05 -26.03
C GLN C 70 -7.62 -24.31 -25.93
N ARG C 71 -8.44 -23.34 -26.32
CA ARG C 71 -9.88 -23.46 -26.22
C ARG C 71 -10.50 -24.14 -27.42
N GLY C 72 -9.71 -24.47 -28.44
CA GLY C 72 -10.26 -25.05 -29.63
C GLY C 72 -10.82 -24.04 -30.61
N GLY C 73 -10.33 -22.79 -30.57
CA GLY C 73 -10.66 -21.82 -31.58
C GLY C 73 -9.76 -21.92 -32.80
N THR C 74 -9.94 -20.95 -33.70
CA THR C 74 -9.08 -20.83 -34.88
C THR C 74 -8.51 -19.42 -34.89
N ILE C 75 -7.18 -19.32 -34.91
CA ILE C 75 -6.54 -18.03 -35.09
C ILE C 75 -6.81 -17.57 -36.52
N VAL C 76 -7.23 -16.31 -36.68
CA VAL C 76 -7.43 -15.70 -37.99
C VAL C 76 -6.78 -14.33 -37.91
N LEU C 77 -5.67 -14.12 -38.64
CA LEU C 77 -4.89 -12.89 -38.56
C LEU C 77 -5.32 -11.87 -39.61
N GLN C 78 -5.06 -10.60 -39.32
CA GLN C 78 -5.37 -9.48 -40.21
C GLN C 78 -4.13 -8.62 -40.35
N ASP C 79 -4.13 -7.70 -41.32
CA ASP C 79 -3.04 -6.73 -41.42
C ASP C 79 -2.84 -6.02 -40.08
N ILE C 80 -1.59 -5.71 -39.76
CA ILE C 80 -1.24 -4.82 -38.66
C ILE C 80 -1.11 -3.41 -39.24
N LYS C 81 -1.99 -2.49 -38.84
CA LYS C 81 -1.92 -1.15 -39.38
C LYS C 81 -0.66 -0.41 -38.90
N LYS C 82 -0.17 0.51 -39.74
CA LYS C 82 1.02 1.28 -39.39
C LYS C 82 0.70 2.28 -38.29
N PRO C 83 1.64 2.58 -37.40
CA PRO C 83 1.34 3.48 -36.29
C PRO C 83 0.77 4.82 -36.74
N GLU C 84 0.03 5.48 -35.84
CA GLU C 84 -0.72 6.69 -36.17
C GLU C 84 0.21 7.83 -36.61
N ASN C 85 1.44 7.90 -36.10
CA ASN C 85 2.39 8.94 -36.46
C ASN C 85 3.72 8.35 -36.94
N ASP C 86 4.50 9.20 -37.59
CA ASP C 86 5.86 8.86 -38.00
C ASP C 86 6.90 9.33 -37.00
N SER C 87 6.72 10.53 -36.46
CA SER C 87 7.57 11.04 -35.39
C SER C 87 6.68 11.31 -34.18
N TRP C 88 7.29 11.35 -32.99
CA TRP C 88 6.50 11.30 -31.77
C TRP C 88 6.76 12.48 -30.83
N GLY C 89 7.29 13.60 -31.37
CA GLY C 89 7.43 14.81 -30.57
C GLY C 89 8.44 14.66 -29.45
N SER C 90 8.14 15.31 -28.32
CA SER C 90 8.98 15.26 -27.14
C SER C 90 8.79 13.94 -26.41
N LEU C 91 9.77 13.59 -25.56
CA LEU C 91 9.67 12.36 -24.78
C LEU C 91 8.35 12.32 -24.02
N LYS C 92 7.96 13.44 -23.41
CA LYS C 92 6.68 13.51 -22.72
C LYS C 92 5.53 13.28 -23.69
N ASP C 93 5.61 13.84 -24.90
CA ASP C 93 4.59 13.61 -25.92
C ASP C 93 4.42 12.12 -26.18
N ALA C 94 5.54 11.37 -26.22
CA ALA C 94 5.45 9.94 -26.56
C ALA C 94 4.89 9.13 -25.40
N VAL C 95 5.25 9.47 -24.15
CA VAL C 95 4.65 8.78 -23.02
C VAL C 95 3.14 9.04 -22.97
N GLN C 96 2.70 10.26 -23.31
CA GLN C 96 1.26 10.50 -23.44
C GLN C 96 0.64 9.67 -24.55
N ALA C 97 1.36 9.49 -25.66
CA ALA C 97 0.80 8.65 -26.70
C ALA C 97 0.64 7.21 -26.21
N ALA C 98 1.58 6.71 -25.40
CA ALA C 98 1.47 5.35 -24.89
C ALA C 98 0.35 5.20 -23.85
N LEU C 99 0.22 6.16 -22.93
CA LEU C 99 -0.91 6.15 -22.00
C LEU C 99 -2.22 6.00 -22.76
N ALA C 100 -2.43 6.86 -23.76
CA ALA C 100 -3.65 6.75 -24.56
C ALA C 100 -3.81 5.36 -25.14
N LEU C 101 -2.69 4.78 -25.59
CA LEU C 101 -2.70 3.48 -26.26
C LEU C 101 -3.06 2.34 -25.29
N GLU C 102 -2.43 2.29 -24.09
CA GLU C 102 -2.76 1.20 -23.17
C GLU C 102 -4.16 1.37 -22.57
N LYS C 103 -4.70 2.59 -22.53
CA LYS C 103 -6.10 2.78 -22.11
C LYS C 103 -7.03 2.19 -23.15
N HIS C 104 -6.73 2.42 -24.43
CA HIS C 104 -7.53 1.84 -25.50
C HIS C 104 -7.50 0.32 -25.39
N VAL C 105 -6.32 -0.24 -25.16
CA VAL C 105 -6.16 -1.67 -24.99
C VAL C 105 -6.91 -2.14 -23.75
N ASN C 106 -6.84 -1.36 -22.66
CA ASN C 106 -7.55 -1.71 -21.45
C ASN C 106 -9.06 -1.80 -21.70
N GLN C 107 -9.65 -0.72 -22.25
CA GLN C 107 -11.07 -0.73 -22.59
C GLN C 107 -11.43 -1.95 -23.46
N SER C 108 -10.65 -2.17 -24.52
CA SER C 108 -10.84 -3.36 -25.35
C SER C 108 -10.76 -4.65 -24.51
N LEU C 109 -9.77 -4.74 -23.62
CA LEU C 109 -9.67 -5.94 -22.80
C LEU C 109 -10.87 -6.08 -21.87
N LEU C 110 -11.41 -4.96 -21.38
CA LEU C 110 -12.59 -5.04 -20.51
C LEU C 110 -13.80 -5.48 -21.30
N ASP C 111 -14.00 -4.94 -22.50
CA ASP C 111 -15.13 -5.33 -23.35
C ASP C 111 -15.08 -6.82 -23.64
N LEU C 112 -13.87 -7.35 -23.90
CA LEU C 112 -13.72 -8.78 -24.13
C LEU C 112 -14.14 -9.59 -22.91
N HIS C 113 -13.75 -9.15 -21.71
CA HIS C 113 -14.21 -9.76 -20.47
C HIS C 113 -15.72 -9.70 -20.37
N LYS C 114 -16.31 -8.54 -20.64
CA LYS C 114 -17.75 -8.37 -20.52
C LYS C 114 -18.50 -9.33 -21.43
N LEU C 115 -18.01 -9.48 -22.66
CA LEU C 115 -18.57 -10.47 -23.59
C LEU C 115 -18.36 -11.89 -23.08
N ALA C 116 -17.16 -12.20 -22.62
CA ALA C 116 -16.90 -13.55 -22.09
C ALA C 116 -17.84 -13.86 -20.93
N ASP C 117 -18.07 -12.88 -20.05
CA ASP C 117 -18.95 -13.10 -18.91
C ASP C 117 -20.40 -13.24 -19.36
N SER C 118 -20.81 -12.51 -20.40
CA SER C 118 -22.18 -12.60 -20.89
C SER C 118 -22.51 -13.99 -21.43
N LYS C 119 -21.52 -14.72 -21.94
CA LYS C 119 -21.71 -16.09 -22.40
C LYS C 119 -21.38 -17.12 -21.34
N GLY C 120 -21.07 -16.68 -20.12
CA GLY C 120 -20.80 -17.61 -19.03
C GLY C 120 -19.47 -18.31 -19.12
N ASP C 121 -18.50 -17.75 -19.83
CA ASP C 121 -17.18 -18.36 -19.93
C ASP C 121 -16.37 -17.95 -18.70
N ALA C 122 -16.56 -18.71 -17.61
CA ALA C 122 -15.84 -18.48 -16.38
C ALA C 122 -14.34 -18.54 -16.58
N GLN C 123 -13.86 -19.54 -17.34
CA GLN C 123 -12.41 -19.66 -17.47
C GLN C 123 -11.82 -18.51 -18.27
N MET C 124 -12.46 -18.11 -19.38
CA MET C 124 -11.95 -16.98 -20.15
C MET C 124 -11.83 -15.72 -19.29
N CYS C 125 -12.80 -15.51 -18.39
CA CYS C 125 -12.77 -14.33 -17.55
C CYS C 125 -11.55 -14.35 -16.65
N ASP C 126 -11.31 -15.48 -15.98
CA ASP C 126 -10.17 -15.55 -15.07
C ASP C 126 -8.86 -15.43 -15.82
N TRP C 127 -8.77 -16.04 -17.00
CA TRP C 127 -7.56 -15.95 -17.81
C TRP C 127 -7.22 -14.50 -18.11
N ILE C 128 -8.23 -13.72 -18.53
CA ILE C 128 -8.02 -12.29 -18.80
C ILE C 128 -7.70 -11.54 -17.51
N GLU C 129 -8.36 -11.88 -16.40
CA GLU C 129 -8.01 -11.28 -15.11
C GLU C 129 -6.56 -11.59 -14.77
N THR C 130 -6.12 -12.83 -14.97
CA THR C 130 -4.82 -13.27 -14.46
C THR C 130 -3.66 -12.72 -15.28
N HIS C 131 -3.82 -12.63 -16.60
CA HIS C 131 -2.72 -12.27 -17.48
C HIS C 131 -2.79 -10.83 -17.97
N PHE C 132 -3.94 -10.17 -17.89
CA PHE C 132 -4.03 -8.88 -18.56
C PHE C 132 -4.53 -7.74 -17.69
N LEU C 133 -5.63 -7.94 -16.97
CA LEU C 133 -6.31 -6.82 -16.32
C LEU C 133 -5.42 -6.13 -15.29
N THR C 134 -4.83 -6.88 -14.36
CA THR C 134 -4.00 -6.22 -13.36
C THR C 134 -2.71 -5.69 -13.98
N GLU C 135 -2.20 -6.35 -15.01
CA GLU C 135 -0.98 -5.83 -15.63
C GLU C 135 -1.26 -4.53 -16.38
N GLN C 136 -2.46 -4.39 -16.94
CA GLN C 136 -2.82 -3.13 -17.60
C GLN C 136 -2.95 -1.98 -16.60
N VAL C 137 -3.56 -2.22 -15.44
CA VAL C 137 -3.63 -1.18 -14.42
C VAL C 137 -2.24 -0.69 -14.04
N GLU C 138 -1.29 -1.62 -13.81
CA GLU C 138 0.04 -1.20 -13.37
C GLU C 138 0.77 -0.44 -14.47
N ALA C 139 0.64 -0.88 -15.73
CA ALA C 139 1.25 -0.17 -16.85
C ALA C 139 0.66 1.24 -16.99
N ILE C 140 -0.66 1.37 -16.85
CA ILE C 140 -1.26 2.68 -16.93
C ILE C 140 -0.75 3.57 -15.80
N LYS C 141 -0.78 3.08 -14.56
CA LYS C 141 -0.28 3.88 -13.45
C LYS C 141 1.18 4.29 -13.67
N GLU C 142 2.00 3.36 -14.15
CA GLU C 142 3.41 3.67 -14.39
C GLU C 142 3.56 4.77 -15.45
N LEU C 143 2.82 4.67 -16.56
CA LEU C 143 2.87 5.74 -17.56
C LEU C 143 2.40 7.06 -16.96
N GLY C 144 1.32 7.01 -16.16
CA GLY C 144 0.85 8.21 -15.49
C GLY C 144 1.91 8.84 -14.63
N ASP C 145 2.66 8.03 -13.87
CA ASP C 145 3.73 8.57 -13.04
C ASP C 145 4.88 9.15 -13.88
N HIS C 146 5.22 8.49 -15.00
CA HIS C 146 6.23 9.05 -15.90
C HIS C 146 5.78 10.41 -16.44
N ILE C 147 4.49 10.56 -16.74
CA ILE C 147 4.03 11.83 -17.29
C ILE C 147 4.13 12.94 -16.25
N THR C 148 3.73 12.66 -15.00
CA THR C 148 3.92 13.67 -13.96
C THR C 148 5.41 14.01 -13.81
N GLN C 149 6.26 12.99 -13.69
CA GLN C 149 7.69 13.23 -13.51
C GLN C 149 8.31 14.00 -14.68
N LEU C 150 7.89 13.68 -15.92
CA LEU C 150 8.46 14.39 -17.06
C LEU C 150 8.03 15.86 -17.08
N THR C 151 6.85 16.17 -16.59
CA THR C 151 6.48 17.57 -16.40
C THR C 151 7.34 18.20 -15.33
N ARG C 152 7.68 17.45 -14.29
CA ARG C 152 8.40 18.03 -13.16
C ARG C 152 9.80 18.46 -13.59
N VAL C 153 10.53 17.59 -14.28
CA VAL C 153 11.89 17.91 -14.68
C VAL C 153 11.95 18.92 -15.81
N GLY C 154 10.81 19.17 -16.48
CA GLY C 154 10.77 20.19 -17.50
C GLY C 154 11.45 19.74 -18.79
N PHE C 155 11.92 20.73 -19.53
CA PHE C 155 12.51 20.48 -20.83
C PHE C 155 14.02 20.76 -20.79
N GLY C 156 14.70 20.29 -21.83
CA GLY C 156 16.16 20.38 -21.88
C GLY C 156 16.90 19.39 -21.00
N LEU C 157 17.61 19.91 -19.99
CA LEU C 157 18.41 19.07 -19.10
C LEU C 157 17.56 18.02 -18.39
N GLY C 158 16.37 18.40 -17.91
CA GLY C 158 15.50 17.45 -17.25
C GLY C 158 15.13 16.27 -18.13
N GLU C 159 14.74 16.55 -19.39
CA GLU C 159 14.36 15.47 -20.30
C GLU C 159 15.51 14.49 -20.50
N TYR C 160 16.73 14.99 -20.75
CA TYR C 160 17.93 14.17 -20.71
C TYR C 160 17.99 13.29 -19.47
N THR C 161 17.83 13.89 -18.28
CA THR C 161 18.10 13.16 -17.04
C THR C 161 17.13 12.00 -16.88
N TYR C 162 15.83 12.25 -17.08
CA TYR C 162 14.86 11.19 -16.86
C TYR C 162 15.09 10.04 -17.82
N ASP C 163 15.39 10.36 -19.09
CA ASP C 163 15.69 9.33 -20.08
C ASP C 163 16.76 8.37 -19.58
N LYS C 164 17.86 8.89 -19.04
CA LYS C 164 19.01 8.07 -18.68
C LYS C 164 18.81 7.38 -17.32
N GLU C 165 18.39 8.15 -16.31
CA GLU C 165 18.33 7.67 -14.93
C GLU C 165 17.09 6.86 -14.62
N ASN C 166 16.03 6.99 -15.39
CA ASN C 166 14.77 6.30 -15.11
C ASN C 166 14.42 5.30 -16.20
N LEU C 167 14.15 5.73 -17.43
CA LEU C 167 13.72 4.80 -18.46
C LEU C 167 14.79 3.78 -18.84
N GLY C 168 16.07 4.03 -18.53
CA GLY C 168 17.16 3.10 -18.87
C GLY C 168 17.59 2.11 -17.80
#